data_5AKE
#
_entry.id   5AKE
#
_cell.length_a   92.657
_cell.length_b   92.657
_cell.length_c   243.928
_cell.angle_alpha   90.00
_cell.angle_beta   90.00
_cell.angle_gamma   120.00
#
_symmetry.space_group_name_H-M   'P 65 2 2'
#
loop_
_entity.id
_entity.type
_entity.pdbx_description
1 polymer 'BIFUNCTIONAL EPOXIDE HYDROLASE 2'
2 non-polymer 'DIMETHYL SULFOXIDE'
3 non-polymer GLYCEROL
4 non-polymer 'SULFATE ION'
5 non-polymer N-(5,5-dioxodibenzothiophen-2-yl)-4,4-difluoro-piperidine-1-carboxamide
6 water water
#
_entity_poly.entity_id   1
_entity_poly.type   'polypeptide(L)'
_entity_poly.pdbx_seq_one_letter_code
;GMTLRAAVFDLDGVLALPAVFGVLGRTEEALALPRGLLNDAFQKGGPEGATTRLMKGEITLSQWIPLMEENCRKCSETAK
VCLPKNFSIKEIFDKAISARKINRPMLQAALMLRKKGFTTAILTNTWLDDRAERDGLAQLMCELKMHFDFLIESCQVGMV
KPEPQIYKFLLDTLKASPSEVVFLDDIGANLKPARDLGMVTILVQDTDTALKELEKVTGIQLLNTPAPLPTSCNPSDMSH
GYVTVKPRVRLHFVELGSGPAVCLCHGFPESWYSWRYQIPALAQAGYRVLAMDMKGYGESSAPPEIEEYCMEVLCKEMVT
FLDKLGLSQAVFIGHDWGGMLVWYMALFYPERVRAVASLNTPFIPANPNMSPLESIKANPVFDYQLYFQEPGVAEAELEQ
NLSRTFKSLFRASDESVLSMHKVCEAGGLFVNSPEEPSLSRMVTEEEIQFYVQQFKKSGFRGPLNWYRNMERNWKWACKS
LGRKILIPALMVTAEKDFVLVPQMSQHMEDWIPHLKRGHIEDCGHWTQMDKPTEVNQILIKWLDSDARN
;
_entity_poly.pdbx_strand_id   A
#
loop_
_chem_comp.id
_chem_comp.type
_chem_comp.name
_chem_comp.formula
6N0 non-polymer N-(5,5-dioxodibenzothiophen-2-yl)-4,4-difluoro-piperidine-1-carboxamide 'C18 H16 F2 N2 O3 S'
DMS non-polymer 'DIMETHYL SULFOXIDE' 'C2 H6 O S'
GOL non-polymer GLYCEROL 'C3 H8 O3'
SO4 non-polymer 'SULFATE ION' 'O4 S -2'
#
# COMPACT_ATOMS: atom_id res chain seq x y z
N THR A 3 23.44 -25.26 -2.68
CA THR A 3 22.68 -24.18 -3.32
C THR A 3 21.88 -23.31 -2.32
N LEU A 4 21.95 -21.99 -2.53
CA LEU A 4 21.33 -20.98 -1.69
C LEU A 4 19.81 -20.98 -1.74
N ARG A 5 19.17 -20.81 -0.57
CA ARG A 5 17.71 -20.70 -0.42
C ARG A 5 17.31 -19.70 0.68
N ALA A 6 18.30 -18.96 1.24
CA ALA A 6 18.08 -17.96 2.27
C ALA A 6 19.03 -16.79 2.15
N ALA A 7 18.49 -15.56 2.24
CA ALA A 7 19.27 -14.32 2.19
C ALA A 7 19.05 -13.54 3.46
N VAL A 8 20.15 -13.18 4.13
CA VAL A 8 20.14 -12.46 5.39
C VAL A 8 20.78 -11.11 5.17
N PHE A 9 20.14 -10.06 5.65
CA PHE A 9 20.67 -8.71 5.46
C PHE A 9 20.83 -8.00 6.77
N ASP A 10 21.90 -7.21 6.89
CA ASP A 10 22.10 -6.35 8.05
C ASP A 10 21.15 -5.14 7.83
N LEU A 11 20.96 -4.30 8.85
CA LEU A 11 20.10 -3.12 8.75
C LEU A 11 20.97 -1.90 8.43
N ASP A 12 21.86 -1.52 9.35
CA ASP A 12 22.73 -0.34 9.19
C ASP A 12 23.83 -0.58 8.16
N GLY A 13 23.88 0.30 7.16
CA GLY A 13 24.81 0.21 6.05
C GLY A 13 24.42 -0.79 4.97
N VAL A 14 23.34 -1.56 5.20
CA VAL A 14 22.88 -2.56 4.23
C VAL A 14 21.44 -2.29 3.74
N LEU A 15 20.42 -2.46 4.61
CA LEU A 15 19.02 -2.20 4.23
C LEU A 15 18.61 -0.74 4.44
N ALA A 16 19.36 -0.02 5.29
CA ALA A 16 19.13 1.39 5.62
C ALA A 16 20.40 2.23 5.43
N LEU A 17 20.25 3.40 4.77
CA LEU A 17 21.34 4.35 4.44
C LEU A 17 20.98 5.84 4.67
N PRO A 18 21.94 6.71 5.08
CA PRO A 18 23.34 6.42 5.44
C PRO A 18 23.44 5.67 6.77
N ALA A 19 24.50 4.86 6.93
CA ALA A 19 24.77 4.10 8.15
C ALA A 19 24.94 5.06 9.33
N VAL A 20 24.20 4.80 10.42
CA VAL A 20 24.22 5.57 11.66
C VAL A 20 25.65 5.61 12.26
N PHE A 21 26.39 4.48 12.16
CA PHE A 21 27.78 4.34 12.62
C PHE A 21 28.73 5.37 12.01
N GLY A 22 28.61 5.58 10.69
CA GLY A 22 29.42 6.51 9.92
C GLY A 22 29.25 7.99 10.23
N VAL A 23 28.25 8.34 11.06
CA VAL A 23 27.96 9.72 11.48
C VAL A 23 28.91 10.15 12.61
N LEU A 24 29.50 9.17 13.34
CA LEU A 24 30.48 9.45 14.40
C LEU A 24 31.74 10.09 13.79
N GLY A 25 32.15 9.58 12.63
CA GLY A 25 33.28 10.08 11.85
C GLY A 25 33.00 11.44 11.24
N ARG A 26 31.74 11.63 10.75
CA ARG A 26 31.24 12.89 10.16
C ARG A 26 31.27 14.00 11.21
N THR A 27 30.86 13.67 12.46
CA THR A 27 30.84 14.61 13.58
C THR A 27 32.27 15.00 13.96
N GLU A 28 33.21 14.02 13.96
CA GLU A 28 34.62 14.23 14.25
C GLU A 28 35.23 15.25 13.27
N GLU A 29 34.95 15.07 11.95
CA GLU A 29 35.42 15.94 10.86
C GLU A 29 34.84 17.34 10.97
N ALA A 30 33.49 17.44 11.17
CA ALA A 30 32.77 18.71 11.29
C ALA A 30 33.23 19.50 12.52
N LEU A 31 33.44 18.81 13.66
CA LEU A 31 33.88 19.43 14.92
C LEU A 31 35.40 19.56 15.07
N ALA A 32 36.16 19.08 14.06
CA ALA A 32 37.63 19.08 14.03
C ALA A 32 38.24 18.41 15.30
N LEU A 33 37.62 17.29 15.71
CA LEU A 33 38.06 16.50 16.85
C LEU A 33 39.07 15.47 16.34
N PRO A 34 39.94 14.88 17.21
CA PRO A 34 40.88 13.84 16.73
C PRO A 34 40.15 12.70 16.04
N ARG A 35 40.72 12.20 14.94
CA ARG A 35 40.13 11.11 14.16
C ARG A 35 39.90 9.86 15.04
N GLY A 36 38.74 9.24 14.85
CA GLY A 36 38.33 8.04 15.57
C GLY A 36 37.98 8.20 17.04
N LEU A 37 38.00 9.45 17.58
CA LEU A 37 37.68 9.73 18.99
C LEU A 37 36.26 9.28 19.39
N LEU A 38 35.25 9.76 18.64
CA LEU A 38 33.85 9.43 18.90
C LEU A 38 33.58 7.96 18.68
N ASN A 39 34.19 7.38 17.63
CA ASN A 39 34.08 5.97 17.30
C ASN A 39 34.68 5.07 18.37
N ASP A 40 35.79 5.53 19.01
CA ASP A 40 36.49 4.81 20.07
C ASP A 40 35.67 4.85 21.37
N ALA A 41 35.07 6.02 21.70
CA ALA A 41 34.21 6.19 22.87
C ALA A 41 32.94 5.31 22.76
N PHE A 42 32.46 5.13 21.52
CA PHE A 42 31.31 4.31 21.18
C PHE A 42 31.59 2.81 21.48
N GLN A 43 32.76 2.29 21.06
CA GLN A 43 33.12 0.89 21.32
C GLN A 43 33.94 0.62 22.60
N LYS A 44 34.09 1.65 23.47
CA LYS A 44 34.84 1.61 24.74
C LYS A 44 34.39 0.46 25.66
N GLY A 45 35.35 -0.37 26.07
CA GLY A 45 35.12 -1.52 26.94
C GLY A 45 34.79 -2.80 26.21
N GLY A 46 34.72 -2.73 24.88
CA GLY A 46 34.38 -3.84 24.01
C GLY A 46 33.14 -4.60 24.45
N PRO A 47 33.24 -5.93 24.69
CA PRO A 47 32.06 -6.72 25.12
C PRO A 47 31.52 -6.42 26.53
N GLU A 48 32.29 -5.69 27.34
CA GLU A 48 31.93 -5.33 28.72
C GLU A 48 31.38 -3.90 28.79
N GLY A 49 31.57 -3.16 27.70
CA GLY A 49 31.19 -1.76 27.59
C GLY A 49 29.71 -1.47 27.45
N ALA A 50 29.36 -0.19 27.67
CA ALA A 50 28.01 0.38 27.60
C ALA A 50 27.27 0.03 26.30
N THR A 51 27.98 0.11 25.14
CA THR A 51 27.41 -0.18 23.84
C THR A 51 26.97 -1.63 23.69
N THR A 52 27.79 -2.59 24.15
CA THR A 52 27.43 -4.02 24.09
C THR A 52 26.19 -4.31 24.95
N ARG A 53 26.13 -3.71 26.16
CA ARG A 53 25.00 -3.82 27.09
C ARG A 53 23.73 -3.27 26.45
N LEU A 54 23.86 -2.15 25.71
CA LEU A 54 22.79 -1.51 24.97
C LEU A 54 22.28 -2.46 23.85
N MET A 55 23.21 -3.00 23.05
CA MET A 55 22.88 -3.89 21.93
C MET A 55 22.32 -5.25 22.38
N LYS A 56 22.62 -5.67 23.62
CA LYS A 56 22.12 -6.92 24.20
C LYS A 56 20.75 -6.72 24.84
N GLY A 57 20.38 -5.46 25.05
CA GLY A 57 19.10 -5.05 25.62
C GLY A 57 19.12 -4.93 27.13
N GLU A 58 20.30 -4.86 27.75
CA GLU A 58 20.43 -4.73 29.21
C GLU A 58 19.97 -3.34 29.66
N ILE A 59 20.18 -2.34 28.79
CA ILE A 59 19.84 -0.94 29.01
C ILE A 59 19.18 -0.37 27.74
N THR A 60 18.37 0.67 27.92
CA THR A 60 17.69 1.36 26.82
C THR A 60 18.62 2.43 26.26
N LEU A 61 18.28 2.97 25.06
CA LEU A 61 19.04 4.04 24.40
C LEU A 61 19.20 5.30 25.28
N SER A 62 18.13 5.71 26.01
CA SER A 62 18.18 6.89 26.88
C SER A 62 19.10 6.71 28.08
N GLN A 63 19.20 5.48 28.63
CA GLN A 63 20.10 5.15 29.73
C GLN A 63 21.55 5.15 29.21
N TRP A 64 21.74 4.81 27.93
CA TRP A 64 23.05 4.73 27.27
C TRP A 64 23.67 6.08 26.95
N ILE A 65 22.85 7.05 26.49
CA ILE A 65 23.30 8.40 26.13
C ILE A 65 24.31 9.01 27.15
N PRO A 66 23.99 9.11 28.47
CA PRO A 66 25.00 9.64 29.41
C PRO A 66 26.26 8.78 29.61
N LEU A 67 26.19 7.46 29.32
CA LEU A 67 27.33 6.54 29.44
C LEU A 67 28.31 6.77 28.29
N MET A 68 27.77 7.08 27.09
CA MET A 68 28.52 7.41 25.88
C MET A 68 29.20 8.78 26.09
N GLU A 69 28.50 9.75 26.73
CA GLU A 69 29.01 11.09 27.04
C GLU A 69 30.22 10.98 27.99
N GLU A 70 30.14 10.07 28.99
CA GLU A 70 31.22 9.79 29.94
C GLU A 70 32.43 9.19 29.22
N ASN A 71 32.18 8.26 28.28
CA ASN A 71 33.22 7.64 27.46
C ASN A 71 33.87 8.66 26.53
N CYS A 72 33.08 9.65 26.03
CA CYS A 72 33.54 10.73 25.16
C CYS A 72 34.51 11.65 25.87
N ARG A 73 34.24 11.94 27.16
CA ARG A 73 35.09 12.78 28.01
C ARG A 73 36.43 12.07 28.26
N LYS A 74 36.37 10.79 28.71
CA LYS A 74 37.56 9.95 28.98
C LYS A 74 38.47 9.80 27.75
N CYS A 75 37.87 9.67 26.54
CA CYS A 75 38.60 9.55 25.27
C CYS A 75 39.30 10.85 24.89
N SER A 76 38.62 12.00 25.07
CA SER A 76 39.17 13.33 24.77
C SER A 76 40.32 13.69 25.73
N GLU A 77 40.19 13.27 27.01
CA GLU A 77 41.16 13.47 28.10
C GLU A 77 42.51 12.79 27.75
N THR A 78 42.46 11.55 27.20
CA THR A 78 43.65 10.78 26.81
C THR A 78 44.30 11.38 25.56
N ALA A 79 43.50 11.87 24.59
CA ALA A 79 43.97 12.50 23.36
C ALA A 79 44.40 13.97 23.61
N LYS A 80 44.28 14.45 24.88
CA LYS A 80 44.61 15.80 25.36
C LYS A 80 43.85 16.90 24.59
N VAL A 81 42.56 16.66 24.32
CA VAL A 81 41.64 17.56 23.61
C VAL A 81 40.36 17.82 24.42
N CYS A 82 39.46 18.66 23.88
CA CYS A 82 38.19 19.00 24.52
C CYS A 82 37.03 18.97 23.53
N LEU A 83 35.85 18.52 24.00
CA LEU A 83 34.61 18.49 23.21
C LEU A 83 34.06 19.92 23.13
N PRO A 84 33.35 20.32 22.04
CA PRO A 84 32.81 21.70 21.99
C PRO A 84 31.75 22.01 23.06
N LYS A 85 31.50 23.31 23.30
CA LYS A 85 30.58 23.87 24.29
C LYS A 85 29.15 23.26 24.26
N ASN A 86 28.58 23.09 23.05
CA ASN A 86 27.23 22.59 22.81
C ASN A 86 27.15 21.12 22.35
N PHE A 87 28.16 20.30 22.72
CA PHE A 87 28.25 18.88 22.35
C PHE A 87 27.10 18.03 22.95
N SER A 88 26.32 17.38 22.08
CA SER A 88 25.19 16.54 22.50
C SER A 88 25.07 15.24 21.67
N ILE A 89 25.28 14.09 22.34
CA ILE A 89 25.20 12.74 21.79
C ILE A 89 23.77 12.47 21.29
N LYS A 90 22.75 12.87 22.08
CA LYS A 90 21.33 12.74 21.74
C LYS A 90 21.06 13.44 20.41
N GLU A 91 21.47 14.72 20.30
CA GLU A 91 21.34 15.57 19.12
C GLU A 91 22.00 14.91 17.90
N ILE A 92 23.20 14.33 18.08
CA ILE A 92 23.95 13.64 17.03
C ILE A 92 23.21 12.37 16.55
N PHE A 93 22.74 11.55 17.49
CA PHE A 93 22.01 10.34 17.14
C PHE A 93 20.60 10.61 16.63
N ASP A 94 19.86 11.58 17.21
CA ASP A 94 18.53 12.00 16.75
C ASP A 94 18.59 12.29 15.25
N LYS A 95 19.59 13.12 14.84
CA LYS A 95 19.85 13.53 13.45
C LYS A 95 20.26 12.34 12.58
N ALA A 96 21.24 11.52 13.04
CA ALA A 96 21.72 10.33 12.33
C ALA A 96 20.62 9.30 12.02
N ILE A 97 19.75 9.02 13.02
CA ILE A 97 18.64 8.06 12.92
C ILE A 97 17.58 8.61 11.95
N SER A 98 17.26 9.90 12.07
CA SER A 98 16.29 10.63 11.24
C SER A 98 16.74 10.72 9.78
N ALA A 99 18.07 10.85 9.54
CA ALA A 99 18.63 10.95 8.19
C ALA A 99 18.66 9.59 7.52
N ARG A 100 18.68 8.50 8.32
CA ARG A 100 18.74 7.13 7.82
C ARG A 100 17.41 6.72 7.21
N LYS A 101 17.47 6.32 5.95
CA LYS A 101 16.32 5.91 5.14
C LYS A 101 16.59 4.55 4.55
N ILE A 102 15.53 3.88 4.06
CA ILE A 102 15.63 2.58 3.41
C ILE A 102 16.51 2.67 2.18
N ASN A 103 17.33 1.62 1.96
CA ASN A 103 18.16 1.46 0.79
C ASN A 103 17.27 0.71 -0.19
N ARG A 104 16.47 1.48 -0.96
CA ARG A 104 15.49 0.97 -1.93
C ARG A 104 15.98 -0.13 -2.85
N PRO A 105 17.13 0.01 -3.58
CA PRO A 105 17.61 -1.12 -4.42
C PRO A 105 17.95 -2.40 -3.64
N MET A 106 18.42 -2.27 -2.38
CA MET A 106 18.73 -3.43 -1.53
C MET A 106 17.41 -4.15 -1.16
N LEU A 107 16.35 -3.37 -0.84
CA LEU A 107 15.02 -3.90 -0.51
C LEU A 107 14.41 -4.60 -1.71
N GLN A 108 14.52 -3.97 -2.91
CA GLN A 108 14.03 -4.54 -4.18
C GLN A 108 14.69 -5.89 -4.48
N ALA A 109 16.00 -6.02 -4.18
CA ALA A 109 16.76 -7.27 -4.36
C ALA A 109 16.22 -8.33 -3.39
N ALA A 110 16.03 -7.97 -2.09
CA ALA A 110 15.47 -8.84 -1.06
C ALA A 110 14.06 -9.29 -1.45
N LEU A 111 13.25 -8.35 -1.99
CA LEU A 111 11.90 -8.65 -2.47
C LEU A 111 11.90 -9.62 -3.65
N MET A 112 12.84 -9.44 -4.60
CA MET A 112 12.98 -10.33 -5.75
C MET A 112 13.42 -11.76 -5.31
N LEU A 113 14.35 -11.84 -4.34
CA LEU A 113 14.83 -13.14 -3.81
C LEU A 113 13.72 -13.91 -3.13
N ARG A 114 12.88 -13.22 -2.33
CA ARG A 114 11.73 -13.83 -1.65
C ARG A 114 10.66 -14.29 -2.66
N LYS A 115 10.49 -13.52 -3.75
CA LYS A 115 9.57 -13.79 -4.86
C LYS A 115 10.01 -15.08 -5.58
N LYS A 116 11.34 -15.29 -5.68
CA LYS A 116 11.93 -16.48 -6.30
C LYS A 116 12.06 -17.71 -5.34
N GLY A 117 11.41 -17.65 -4.18
CA GLY A 117 11.37 -18.74 -3.22
C GLY A 117 12.34 -18.70 -2.05
N PHE A 118 13.15 -17.64 -1.93
CA PHE A 118 14.09 -17.49 -0.83
C PHE A 118 13.40 -17.17 0.48
N THR A 119 14.01 -17.59 1.60
CA THR A 119 13.58 -17.24 2.94
C THR A 119 14.48 -16.05 3.24
N THR A 120 13.89 -14.90 3.59
CA THR A 120 14.69 -13.70 3.86
C THR A 120 14.62 -13.30 5.31
N ALA A 121 15.70 -12.69 5.80
CA ALA A 121 15.74 -12.24 7.17
C ALA A 121 16.60 -11.02 7.34
N ILE A 122 16.27 -10.21 8.36
CA ILE A 122 17.07 -9.07 8.78
C ILE A 122 17.74 -9.52 10.09
N LEU A 123 19.07 -9.43 10.15
CA LEU A 123 19.81 -9.72 11.36
C LEU A 123 20.53 -8.43 11.74
N THR A 124 20.15 -7.83 12.87
CA THR A 124 20.72 -6.55 13.26
C THR A 124 21.10 -6.38 14.73
N ASN A 125 22.16 -5.59 14.93
CA ASN A 125 22.63 -5.12 16.22
C ASN A 125 21.92 -3.80 16.42
N THR A 126 20.91 -3.82 17.29
CA THR A 126 20.07 -2.66 17.57
C THR A 126 19.80 -2.50 19.06
N TRP A 127 19.19 -1.39 19.42
CA TRP A 127 18.88 -0.95 20.76
C TRP A 127 17.37 -0.84 21.02
N LEU A 128 17.00 -0.66 22.30
CA LEU A 128 15.64 -0.42 22.75
C LEU A 128 15.53 1.09 22.81
N ASP A 129 14.86 1.65 21.80
CA ASP A 129 14.70 3.08 21.61
C ASP A 129 13.53 3.66 22.38
N ASP A 130 13.85 4.41 23.43
CA ASP A 130 12.85 5.05 24.29
C ASP A 130 12.97 6.59 24.20
N ARG A 131 13.61 7.10 23.13
CA ARG A 131 13.76 8.55 22.92
C ARG A 131 12.40 9.12 22.60
N ALA A 132 12.18 10.42 22.87
CA ALA A 132 10.93 11.10 22.57
C ALA A 132 10.61 11.02 21.06
N GLU A 133 11.65 10.86 20.21
CA GLU A 133 11.57 10.79 18.74
C GLU A 133 11.65 9.36 18.18
N ARG A 134 11.53 8.33 19.05
CA ARG A 134 11.59 6.90 18.70
C ARG A 134 10.66 6.44 17.55
N ASP A 135 9.54 7.16 17.33
CA ASP A 135 8.56 6.82 16.30
C ASP A 135 9.09 6.76 14.86
N GLY A 136 10.01 7.66 14.51
CA GLY A 136 10.63 7.69 13.17
C GLY A 136 11.30 6.36 12.83
N LEU A 137 12.04 5.81 13.81
CA LEU A 137 12.70 4.51 13.73
C LEU A 137 11.65 3.39 13.74
N ALA A 138 10.59 3.50 14.59
CA ALA A 138 9.50 2.52 14.68
C ALA A 138 8.84 2.36 13.30
N GLN A 139 8.62 3.49 12.60
CA GLN A 139 8.05 3.56 11.24
C GLN A 139 8.99 2.87 10.23
N LEU A 140 10.32 3.15 10.32
CA LEU A 140 11.32 2.56 9.43
C LEU A 140 11.29 1.05 9.53
N MET A 141 11.32 0.53 10.78
CA MET A 141 11.30 -0.89 11.07
C MET A 141 10.03 -1.55 10.58
N CYS A 142 8.87 -0.89 10.76
CA CYS A 142 7.58 -1.40 10.29
C CYS A 142 7.54 -1.56 8.81
N GLU A 143 7.95 -0.52 8.06
CA GLU A 143 7.96 -0.60 6.61
C GLU A 143 8.87 -1.74 6.14
N LEU A 144 10.09 -1.81 6.70
CA LEU A 144 11.07 -2.83 6.34
C LEU A 144 10.66 -4.27 6.64
N LYS A 145 10.36 -4.57 7.94
CA LYS A 145 10.07 -5.92 8.45
C LYS A 145 9.03 -6.73 7.72
N MET A 146 7.92 -6.08 7.27
N MET A 146 7.91 -6.11 7.30
CA MET A 146 6.79 -6.69 6.55
CA MET A 146 6.81 -6.81 6.63
C MET A 146 7.23 -7.50 5.32
C MET A 146 7.16 -7.43 5.26
N HIS A 147 8.35 -7.08 4.70
CA HIS A 147 8.90 -7.62 3.46
C HIS A 147 9.80 -8.84 3.67
N PHE A 148 10.07 -9.22 4.94
CA PHE A 148 10.96 -10.32 5.29
C PHE A 148 10.26 -11.41 6.12
N ASP A 149 10.81 -12.63 6.09
CA ASP A 149 10.28 -13.75 6.88
C ASP A 149 10.64 -13.59 8.35
N PHE A 150 11.83 -13.02 8.65
CA PHE A 150 12.30 -12.85 10.01
C PHE A 150 13.03 -11.55 10.26
N LEU A 151 12.93 -11.07 11.49
CA LEU A 151 13.63 -9.91 12.02
C LEU A 151 14.23 -10.34 13.35
N ILE A 152 15.56 -10.47 13.36
CA ILE A 152 16.32 -10.85 14.54
C ILE A 152 17.08 -9.61 14.98
N GLU A 153 16.70 -9.10 16.16
CA GLU A 153 17.26 -7.90 16.77
C GLU A 153 18.05 -8.32 17.99
N SER A 154 19.32 -7.88 18.04
CA SER A 154 20.25 -8.18 19.12
C SER A 154 19.67 -7.91 20.51
N CYS A 155 19.02 -6.75 20.71
CA CYS A 155 18.42 -6.31 21.98
C CYS A 155 17.21 -7.15 22.40
N GLN A 156 16.67 -7.94 21.47
CA GLN A 156 15.53 -8.80 21.74
C GLN A 156 15.99 -10.19 22.10
N VAL A 157 17.02 -10.68 21.39
CA VAL A 157 17.58 -12.02 21.61
C VAL A 157 18.70 -12.09 22.66
N GLY A 158 19.09 -10.93 23.21
CA GLY A 158 20.12 -10.82 24.23
C GLY A 158 21.52 -11.22 23.80
N MET A 159 21.72 -11.36 22.48
CA MET A 159 22.97 -11.76 21.81
C MET A 159 23.38 -10.65 20.87
N VAL A 160 24.67 -10.62 20.48
CA VAL A 160 25.20 -9.55 19.64
C VAL A 160 26.17 -10.05 18.57
N LYS A 161 26.29 -9.32 17.45
CA LYS A 161 27.29 -9.66 16.42
C LYS A 161 28.58 -9.03 16.93
N PRO A 162 29.75 -9.70 16.88
CA PRO A 162 30.07 -10.97 16.20
C PRO A 162 30.05 -12.27 17.03
N GLU A 163 29.33 -12.30 18.19
CA GLU A 163 29.27 -13.50 19.04
C GLU A 163 28.74 -14.69 18.26
N PRO A 164 29.42 -15.86 18.29
CA PRO A 164 28.97 -17.00 17.47
C PRO A 164 27.57 -17.55 17.75
N GLN A 165 27.02 -17.28 18.96
CA GLN A 165 25.68 -17.66 19.43
C GLN A 165 24.58 -17.17 18.49
N ILE A 166 24.63 -15.86 18.14
CA ILE A 166 23.64 -15.23 17.27
C ILE A 166 23.54 -15.90 15.89
N TYR A 167 24.69 -16.36 15.34
CA TYR A 167 24.80 -17.06 14.04
C TYR A 167 24.14 -18.41 14.10
N LYS A 168 24.31 -19.12 15.24
CA LYS A 168 23.66 -20.41 15.47
C LYS A 168 22.16 -20.19 15.67
N PHE A 169 21.77 -19.06 16.34
CA PHE A 169 20.37 -18.68 16.54
C PHE A 169 19.72 -18.39 15.18
N LEU A 170 20.41 -17.60 14.33
CA LEU A 170 19.96 -17.24 12.98
C LEU A 170 19.72 -18.50 12.14
N LEU A 171 20.69 -19.43 12.14
CA LEU A 171 20.64 -20.71 11.43
C LEU A 171 19.41 -21.52 11.81
N ASP A 172 19.13 -21.59 13.13
CA ASP A 172 17.98 -22.31 13.70
C ASP A 172 16.64 -21.64 13.36
N THR A 173 16.59 -20.29 13.34
CA THR A 173 15.39 -19.52 12.98
C THR A 173 15.05 -19.79 11.51
N LEU A 174 16.10 -19.85 10.67
CA LEU A 174 16.07 -20.08 9.23
C LEU A 174 15.74 -21.52 8.86
N LYS A 175 15.98 -22.49 9.80
CA LYS A 175 15.80 -23.95 9.59
C LYS A 175 16.65 -24.35 8.36
N ALA A 176 17.87 -23.78 8.27
CA ALA A 176 18.75 -23.97 7.14
C ALA A 176 20.20 -24.13 7.53
N SER A 177 20.92 -24.99 6.78
CA SER A 177 22.33 -25.26 6.97
C SER A 177 23.12 -24.06 6.41
N PRO A 178 24.29 -23.71 7.01
CA PRO A 178 25.05 -22.54 6.55
C PRO A 178 25.40 -22.42 5.06
N SER A 179 25.51 -23.53 4.31
CA SER A 179 25.84 -23.47 2.88
C SER A 179 24.66 -22.94 2.03
N GLU A 180 23.43 -23.04 2.57
CA GLU A 180 22.18 -22.58 1.94
C GLU A 180 21.94 -21.08 2.20
N VAL A 181 22.86 -20.40 2.93
CA VAL A 181 22.67 -19.02 3.34
C VAL A 181 23.67 -18.00 2.78
N VAL A 182 23.13 -16.90 2.22
CA VAL A 182 23.90 -15.74 1.79
C VAL A 182 23.64 -14.67 2.85
N PHE A 183 24.71 -14.11 3.40
CA PHE A 183 24.68 -13.14 4.47
C PHE A 183 25.39 -11.86 4.00
N LEU A 184 24.69 -10.71 4.09
CA LEU A 184 25.19 -9.40 3.64
C LEU A 184 25.38 -8.47 4.83
N ASP A 185 26.58 -7.89 4.96
CA ASP A 185 26.96 -6.99 6.07
C ASP A 185 27.98 -5.93 5.63
N ASP A 186 27.99 -4.76 6.28
CA ASP A 186 28.94 -3.69 5.98
C ASP A 186 30.19 -3.73 6.90
N ILE A 187 30.12 -4.51 7.99
CA ILE A 187 31.20 -4.70 8.97
C ILE A 187 31.82 -6.07 8.73
N GLY A 188 33.09 -6.08 8.29
CA GLY A 188 33.87 -7.27 7.99
C GLY A 188 33.99 -8.22 9.17
N ALA A 189 34.13 -7.66 10.38
CA ALA A 189 34.21 -8.41 11.64
C ALA A 189 32.93 -9.22 11.89
N ASN A 190 31.75 -8.64 11.58
CA ASN A 190 30.43 -9.28 11.75
C ASN A 190 30.13 -10.31 10.67
N LEU A 191 30.89 -10.23 9.59
CA LEU A 191 30.81 -11.13 8.44
C LEU A 191 31.60 -12.41 8.71
N LYS A 192 32.75 -12.28 9.40
CA LYS A 192 33.69 -13.35 9.79
C LYS A 192 33.06 -14.63 10.37
N PRO A 193 32.20 -14.58 11.45
CA PRO A 193 31.65 -15.84 11.99
C PRO A 193 30.71 -16.59 11.05
N ALA A 194 29.98 -15.85 10.18
CA ALA A 194 29.08 -16.44 9.19
C ALA A 194 29.91 -17.21 8.16
N ARG A 195 31.03 -16.61 7.72
CA ARG A 195 31.97 -17.20 6.77
C ARG A 195 32.60 -18.45 7.38
N ASP A 196 33.15 -18.33 8.63
CA ASP A 196 33.76 -19.41 9.41
C ASP A 196 32.81 -20.62 9.60
N LEU A 197 31.49 -20.39 9.48
CA LEU A 197 30.44 -21.41 9.58
C LEU A 197 30.13 -22.08 8.23
N GLY A 198 30.56 -21.44 7.13
CA GLY A 198 30.34 -21.93 5.78
C GLY A 198 29.33 -21.16 4.95
N MET A 199 28.85 -20.01 5.48
CA MET A 199 27.88 -19.17 4.76
C MET A 199 28.56 -18.32 3.70
N VAL A 200 27.86 -18.10 2.57
CA VAL A 200 28.31 -17.19 1.52
C VAL A 200 28.13 -15.80 2.14
N THR A 201 29.20 -15.02 2.16
CA THR A 201 29.19 -13.70 2.77
C THR A 201 29.50 -12.61 1.76
N ILE A 202 28.88 -11.44 1.94
CA ILE A 202 29.09 -10.28 1.08
C ILE A 202 29.40 -9.07 1.93
N LEU A 203 30.60 -8.51 1.73
CA LEU A 203 30.96 -7.25 2.42
C LEU A 203 30.35 -6.19 1.54
N VAL A 204 29.45 -5.39 2.15
CA VAL A 204 28.68 -4.34 1.50
C VAL A 204 29.33 -3.00 1.75
N GLN A 205 29.87 -2.39 0.69
CA GLN A 205 30.40 -1.03 0.76
C GLN A 205 29.38 -0.24 -0.07
N ASP A 206 29.52 -0.22 -1.41
CA ASP A 206 28.51 0.38 -2.26
C ASP A 206 27.49 -0.72 -2.57
N THR A 207 26.22 -0.34 -2.74
CA THR A 207 25.10 -1.24 -3.03
C THR A 207 25.27 -2.02 -4.33
N ASP A 208 25.57 -1.31 -5.44
CA ASP A 208 25.73 -1.87 -6.79
C ASP A 208 26.64 -3.09 -6.84
N THR A 209 27.86 -2.99 -6.26
CA THR A 209 28.85 -4.08 -6.23
C THR A 209 28.31 -5.25 -5.42
N ALA A 210 27.72 -4.94 -4.25
CA ALA A 210 27.11 -5.93 -3.35
C ALA A 210 26.01 -6.72 -4.06
N LEU A 211 25.20 -6.02 -4.90
CA LEU A 211 24.14 -6.64 -5.69
C LEU A 211 24.66 -7.47 -6.86
N LYS A 212 25.81 -7.06 -7.45
CA LYS A 212 26.47 -7.80 -8.55
C LYS A 212 26.97 -9.11 -7.97
N GLU A 213 27.58 -9.04 -6.77
CA GLU A 213 28.06 -10.18 -5.99
C GLU A 213 26.88 -11.09 -5.64
N LEU A 214 25.77 -10.49 -5.14
CA LEU A 214 24.55 -11.21 -4.79
C LEU A 214 23.91 -11.90 -5.99
N GLU A 215 23.89 -11.25 -7.16
CA GLU A 215 23.30 -11.88 -8.35
C GLU A 215 24.15 -12.99 -8.98
N LYS A 216 25.49 -12.83 -8.91
CA LYS A 216 26.45 -13.83 -9.39
C LYS A 216 26.33 -15.08 -8.54
N VAL A 217 26.25 -14.90 -7.22
CA VAL A 217 26.14 -16.02 -6.28
C VAL A 217 24.77 -16.72 -6.24
N THR A 218 23.66 -15.99 -6.50
CA THR A 218 22.32 -16.58 -6.49
C THR A 218 21.85 -17.05 -7.87
N GLY A 219 22.40 -16.44 -8.93
CA GLY A 219 22.03 -16.75 -10.31
C GLY A 219 20.69 -16.14 -10.70
N ILE A 220 20.24 -15.13 -9.92
CA ILE A 220 18.98 -14.39 -10.10
C ILE A 220 19.33 -12.93 -10.45
N GLN A 221 18.68 -12.37 -11.48
CA GLN A 221 18.88 -10.98 -11.88
C GLN A 221 18.25 -10.07 -10.82
N LEU A 222 19.06 -9.19 -10.24
CA LEU A 222 18.64 -8.27 -9.19
C LEU A 222 18.95 -6.83 -9.53
N LEU A 223 19.99 -6.62 -10.33
CA LEU A 223 20.43 -5.29 -10.74
C LEU A 223 19.89 -4.96 -12.12
N ASN A 224 19.56 -3.67 -12.35
CA ASN A 224 19.05 -3.13 -13.62
C ASN A 224 17.70 -3.73 -14.05
N THR A 225 17.07 -4.51 -13.17
CA THR A 225 15.80 -5.22 -13.36
C THR A 225 14.59 -4.24 -13.51
N PRO A 226 13.46 -4.59 -14.20
CA PRO A 226 12.36 -3.62 -14.34
C PRO A 226 11.72 -3.09 -13.06
N ALA A 227 10.99 -1.97 -13.19
CA ALA A 227 10.28 -1.30 -12.11
C ALA A 227 9.27 -2.32 -11.54
N PRO A 228 9.39 -2.70 -10.24
CA PRO A 228 8.46 -3.70 -9.70
C PRO A 228 7.08 -3.10 -9.40
N LEU A 229 6.06 -3.95 -9.24
CA LEU A 229 4.71 -3.47 -8.93
C LEU A 229 4.70 -2.98 -7.47
N PRO A 230 3.80 -2.05 -7.06
CA PRO A 230 3.75 -1.67 -5.64
C PRO A 230 3.39 -2.88 -4.78
N THR A 231 3.61 -2.79 -3.47
CA THR A 231 3.26 -3.86 -2.52
C THR A 231 1.74 -4.13 -2.61
N SER A 232 1.37 -5.41 -2.67
CA SER A 232 -0.04 -5.81 -2.72
C SER A 232 -0.51 -6.23 -1.31
N CYS A 233 -1.73 -6.77 -1.17
CA CYS A 233 -2.29 -7.20 0.12
C CYS A 233 -2.52 -8.67 0.13
N ASN A 234 -2.09 -9.35 1.21
CA ASN A 234 -2.47 -10.75 1.40
C ASN A 234 -3.72 -10.67 2.30
N PRO A 235 -4.92 -11.04 1.76
CA PRO A 235 -6.17 -10.92 2.53
C PRO A 235 -6.18 -11.43 3.97
N SER A 236 -5.46 -12.53 4.27
CA SER A 236 -5.41 -13.10 5.63
C SER A 236 -4.49 -12.35 6.62
N ASP A 237 -3.65 -11.43 6.13
CA ASP A 237 -2.76 -10.61 6.99
C ASP A 237 -3.33 -9.23 7.25
N MET A 238 -4.59 -8.99 6.85
N MET A 238 -4.58 -8.96 6.81
CA MET A 238 -5.26 -7.70 6.99
CA MET A 238 -5.21 -7.66 6.99
C MET A 238 -6.16 -7.63 8.21
C MET A 238 -6.13 -7.61 8.19
N SER A 239 -6.37 -6.39 8.71
CA SER A 239 -7.31 -6.14 9.80
C SER A 239 -8.62 -6.02 9.08
N HIS A 240 -9.60 -6.87 9.46
CA HIS A 240 -10.93 -6.87 8.86
C HIS A 240 -11.91 -6.27 9.83
N GLY A 241 -12.60 -5.22 9.39
CA GLY A 241 -13.62 -4.51 10.17
C GLY A 241 -15.03 -4.72 9.68
N TYR A 242 -16.00 -4.76 10.62
CA TYR A 242 -17.43 -4.99 10.36
C TYR A 242 -18.29 -4.01 11.17
N VAL A 243 -19.13 -3.24 10.47
CA VAL A 243 -20.03 -2.24 11.07
C VAL A 243 -21.47 -2.53 10.64
N THR A 244 -22.40 -2.66 11.59
CA THR A 244 -23.83 -2.83 11.27
C THR A 244 -24.41 -1.42 11.10
N VAL A 245 -24.86 -1.07 9.88
CA VAL A 245 -25.41 0.26 9.59
C VAL A 245 -26.94 0.37 9.78
N LYS A 246 -27.63 -0.77 9.77
CA LYS A 246 -29.06 -0.94 10.01
C LYS A 246 -29.36 -2.43 10.24
N PRO A 247 -30.53 -2.83 10.82
CA PRO A 247 -30.76 -4.25 11.15
C PRO A 247 -30.37 -5.32 10.12
N ARG A 248 -30.61 -5.08 8.85
CA ARG A 248 -30.26 -6.10 7.85
C ARG A 248 -28.95 -5.82 7.10
N VAL A 249 -28.27 -4.70 7.41
CA VAL A 249 -27.07 -4.31 6.69
C VAL A 249 -25.80 -4.16 7.53
N ARG A 250 -24.79 -4.95 7.17
CA ARG A 250 -23.47 -4.89 7.77
C ARG A 250 -22.46 -4.52 6.65
N LEU A 251 -21.54 -3.59 6.94
CA LEU A 251 -20.50 -3.23 5.99
C LEU A 251 -19.13 -3.74 6.42
N HIS A 252 -18.46 -4.44 5.51
CA HIS A 252 -17.12 -4.95 5.72
C HIS A 252 -16.06 -4.02 5.09
N PHE A 253 -14.90 -3.92 5.75
CA PHE A 253 -13.76 -3.13 5.30
C PHE A 253 -12.43 -3.69 5.77
N VAL A 254 -11.39 -3.39 5.02
CA VAL A 254 -10.01 -3.72 5.34
C VAL A 254 -9.41 -2.38 5.78
N GLU A 255 -8.62 -2.41 6.85
CA GLU A 255 -8.04 -1.22 7.47
C GLU A 255 -6.54 -1.31 7.70
N LEU A 256 -5.83 -0.28 7.22
CA LEU A 256 -4.36 -0.18 7.35
C LEU A 256 -3.94 1.29 7.47
N GLY A 257 -3.04 1.54 8.42
CA GLY A 257 -2.45 2.86 8.64
C GLY A 257 -3.05 3.71 9.72
N SER A 258 -2.37 4.84 9.96
CA SER A 258 -2.75 5.88 10.91
C SER A 258 -2.68 7.20 10.17
N GLY A 259 -3.49 8.16 10.61
CA GLY A 259 -3.56 9.48 10.00
C GLY A 259 -4.96 9.79 9.52
N PRO A 260 -5.13 10.75 8.57
CA PRO A 260 -6.49 11.06 8.10
C PRO A 260 -7.12 9.86 7.42
N ALA A 261 -8.42 9.63 7.70
CA ALA A 261 -9.17 8.48 7.18
C ALA A 261 -9.43 8.63 5.69
N VAL A 262 -9.06 7.59 4.93
CA VAL A 262 -9.24 7.55 3.49
C VAL A 262 -10.13 6.37 3.17
N CYS A 263 -11.37 6.67 2.77
CA CYS A 263 -12.36 5.65 2.45
C CYS A 263 -12.37 5.32 0.96
N LEU A 264 -11.95 4.07 0.63
CA LEU A 264 -11.85 3.60 -0.74
C LEU A 264 -13.08 2.85 -1.15
N CYS A 265 -13.71 3.29 -2.25
CA CYS A 265 -14.98 2.75 -2.75
C CYS A 265 -14.87 2.16 -4.17
N HIS A 266 -14.93 0.83 -4.27
CA HIS A 266 -14.78 0.12 -5.53
C HIS A 266 -15.97 0.25 -6.49
N GLY A 267 -15.76 -0.20 -7.72
CA GLY A 267 -16.80 -0.22 -8.74
C GLY A 267 -17.39 -1.61 -8.95
N PHE A 268 -18.03 -1.78 -10.11
CA PHE A 268 -18.70 -3.02 -10.49
C PHE A 268 -17.85 -3.85 -11.45
N PRO A 269 -17.78 -5.20 -11.30
CA PRO A 269 -18.27 -6.07 -10.21
C PRO A 269 -17.05 -6.35 -9.34
N GLU A 270 -16.71 -5.44 -8.42
CA GLU A 270 -15.44 -5.56 -7.72
C GLU A 270 -15.39 -6.02 -6.23
N SER A 271 -14.43 -5.49 -5.46
CA SER A 271 -14.11 -5.91 -4.08
C SER A 271 -13.22 -4.85 -3.43
N TRP A 272 -13.01 -4.94 -2.09
CA TRP A 272 -12.02 -4.10 -1.40
C TRP A 272 -10.64 -4.37 -2.04
N TYR A 273 -10.44 -5.64 -2.48
CA TYR A 273 -9.21 -6.19 -3.08
C TYR A 273 -8.79 -5.49 -4.38
N SER A 274 -9.70 -4.77 -5.03
CA SER A 274 -9.38 -3.98 -6.22
C SER A 274 -8.42 -2.85 -5.89
N TRP A 275 -8.29 -2.51 -4.58
CA TRP A 275 -7.40 -1.47 -4.06
C TRP A 275 -6.11 -2.07 -3.44
N ARG A 276 -5.86 -3.38 -3.63
CA ARG A 276 -4.68 -4.07 -3.08
C ARG A 276 -3.34 -3.35 -3.26
N TYR A 277 -3.12 -2.71 -4.41
CA TYR A 277 -1.87 -1.99 -4.69
C TYR A 277 -1.86 -0.56 -4.10
N GLN A 278 -3.03 -0.03 -3.69
CA GLN A 278 -3.17 1.31 -3.11
C GLN A 278 -3.11 1.29 -1.60
N ILE A 279 -3.70 0.26 -0.95
CA ILE A 279 -3.77 0.13 0.52
C ILE A 279 -2.39 0.25 1.21
N PRO A 280 -1.36 -0.58 0.88
CA PRO A 280 -0.06 -0.40 1.54
C PRO A 280 0.60 0.94 1.22
N ALA A 281 0.54 1.41 -0.05
CA ALA A 281 1.12 2.69 -0.47
C ALA A 281 0.50 3.88 0.28
N LEU A 282 -0.85 3.95 0.35
CA LEU A 282 -1.54 5.05 1.03
C LEU A 282 -1.29 5.06 2.54
N ALA A 283 -1.22 3.88 3.19
CA ALA A 283 -0.92 3.75 4.62
C ALA A 283 0.52 4.19 4.85
N GLN A 284 1.43 3.81 3.93
CA GLN A 284 2.84 4.22 4.02
C GLN A 284 2.98 5.73 3.89
N ALA A 285 2.10 6.36 3.06
CA ALA A 285 2.11 7.82 2.86
C ALA A 285 1.51 8.64 4.01
N GLY A 286 1.12 7.98 5.11
CA GLY A 286 0.61 8.64 6.31
C GLY A 286 -0.90 8.77 6.46
N TYR A 287 -1.65 7.80 5.91
CA TYR A 287 -3.11 7.79 5.96
C TYR A 287 -3.69 6.53 6.58
N ARG A 288 -4.90 6.65 7.13
CA ARG A 288 -5.65 5.53 7.69
C ARG A 288 -6.60 5.09 6.60
N VAL A 289 -6.26 4.00 5.92
CA VAL A 289 -7.04 3.49 4.81
C VAL A 289 -8.17 2.58 5.25
N LEU A 290 -9.37 2.84 4.73
CA LEU A 290 -10.54 2.01 4.99
C LEU A 290 -11.05 1.54 3.61
N ALA A 291 -10.63 0.33 3.19
CA ALA A 291 -11.03 -0.22 1.88
C ALA A 291 -12.29 -1.05 2.01
N MET A 292 -13.38 -0.52 1.47
CA MET A 292 -14.70 -1.13 1.59
C MET A 292 -14.97 -2.28 0.68
N ASP A 293 -15.90 -3.13 1.15
CA ASP A 293 -16.63 -4.08 0.37
C ASP A 293 -17.90 -3.27 0.33
N MET A 294 -18.27 -2.78 -0.85
CA MET A 294 -19.48 -1.97 -0.98
C MET A 294 -20.70 -2.87 -0.77
N LYS A 295 -21.86 -2.29 -0.44
CA LYS A 295 -23.11 -3.04 -0.25
C LYS A 295 -23.35 -3.95 -1.48
N GLY A 296 -23.60 -5.23 -1.21
CA GLY A 296 -23.85 -6.25 -2.23
C GLY A 296 -22.66 -7.13 -2.54
N TYR A 297 -21.48 -6.76 -1.99
CA TYR A 297 -20.21 -7.38 -2.27
C TYR A 297 -19.50 -8.01 -1.09
N GLY A 298 -18.71 -9.05 -1.39
CA GLY A 298 -17.87 -9.80 -0.46
C GLY A 298 -18.49 -10.09 0.88
N GLU A 299 -17.83 -9.63 1.96
CA GLU A 299 -18.29 -9.85 3.33
C GLU A 299 -19.34 -8.82 3.80
N SER A 300 -19.72 -7.87 2.92
CA SER A 300 -20.76 -6.89 3.24
C SER A 300 -22.11 -7.53 2.93
N SER A 301 -23.19 -7.03 3.55
CA SER A 301 -24.51 -7.57 3.33
C SER A 301 -24.99 -7.31 1.92
N ALA A 302 -25.79 -8.23 1.39
CA ALA A 302 -26.36 -8.13 0.07
C ALA A 302 -27.86 -8.37 0.12
N PRO A 303 -28.68 -7.41 0.66
CA PRO A 303 -30.14 -7.61 0.64
C PRO A 303 -30.66 -7.71 -0.79
N PRO A 304 -31.74 -8.49 -1.05
CA PRO A 304 -32.19 -8.70 -2.43
C PRO A 304 -32.89 -7.54 -3.13
N GLU A 305 -33.63 -6.70 -2.37
CA GLU A 305 -34.44 -5.58 -2.88
C GLU A 305 -33.65 -4.57 -3.69
N ILE A 306 -34.18 -4.18 -4.85
CA ILE A 306 -33.54 -3.21 -5.76
C ILE A 306 -33.30 -1.86 -5.07
N GLU A 307 -34.31 -1.37 -4.34
CA GLU A 307 -34.35 -0.08 -3.64
C GLU A 307 -33.24 0.10 -2.59
N GLU A 308 -32.72 -1.02 -2.07
CA GLU A 308 -31.62 -1.06 -1.10
C GLU A 308 -30.31 -0.54 -1.74
N TYR A 309 -30.29 -0.41 -3.08
CA TYR A 309 -29.12 0.00 -3.84
C TYR A 309 -29.20 1.33 -4.56
N CYS A 310 -30.25 2.14 -4.28
CA CYS A 310 -30.33 3.49 -4.85
C CYS A 310 -29.27 4.36 -4.15
N MET A 311 -28.78 5.40 -4.84
CA MET A 311 -27.73 6.28 -4.31
C MET A 311 -28.00 6.91 -2.94
N GLU A 312 -29.24 7.36 -2.72
CA GLU A 312 -29.68 7.96 -1.46
C GLU A 312 -29.42 7.04 -0.26
N VAL A 313 -29.81 5.76 -0.38
CA VAL A 313 -29.66 4.73 0.65
C VAL A 313 -28.20 4.38 0.87
N LEU A 314 -27.44 4.17 -0.23
CA LEU A 314 -26.02 3.83 -0.19
C LEU A 314 -25.20 4.92 0.53
N CYS A 315 -25.47 6.20 0.18
CA CYS A 315 -24.80 7.37 0.75
C CYS A 315 -25.14 7.54 2.22
N LYS A 316 -26.43 7.39 2.60
CA LYS A 316 -26.94 7.46 3.98
C LYS A 316 -26.24 6.42 4.87
N GLU A 317 -26.07 5.19 4.33
CA GLU A 317 -25.40 4.09 5.02
C GLU A 317 -23.91 4.33 5.21
N MET A 318 -23.27 5.06 4.27
CA MET A 318 -21.85 5.42 4.35
C MET A 318 -21.63 6.48 5.43
N VAL A 319 -22.63 7.36 5.62
CA VAL A 319 -22.67 8.40 6.67
C VAL A 319 -22.79 7.65 8.03
N THR A 320 -23.73 6.68 8.11
CA THR A 320 -23.95 5.84 9.29
C THR A 320 -22.66 5.06 9.61
N PHE A 321 -21.97 4.57 8.56
CA PHE A 321 -20.69 3.87 8.67
C PHE A 321 -19.68 4.78 9.40
N LEU A 322 -19.59 6.06 8.98
CA LEU A 322 -18.74 7.06 9.62
C LEU A 322 -19.20 7.33 11.07
N ASP A 323 -20.55 7.42 11.30
CA ASP A 323 -21.17 7.63 12.63
C ASP A 323 -20.71 6.58 13.63
N LYS A 324 -20.89 5.30 13.27
CA LYS A 324 -20.56 4.18 14.13
C LYS A 324 -19.07 4.00 14.39
N LEU A 325 -18.20 4.43 13.46
CA LEU A 325 -16.74 4.32 13.64
C LEU A 325 -16.16 5.53 14.38
N GLY A 326 -16.99 6.53 14.66
CA GLY A 326 -16.61 7.78 15.35
C GLY A 326 -15.80 8.73 14.48
N LEU A 327 -16.06 8.72 13.16
CA LEU A 327 -15.34 9.56 12.20
C LEU A 327 -16.22 10.70 11.74
N SER A 328 -15.79 11.93 12.02
CA SER A 328 -16.53 13.11 11.62
C SER A 328 -16.37 13.33 10.12
N GLN A 329 -15.23 12.87 9.56
CA GLN A 329 -14.92 12.97 8.14
C GLN A 329 -14.01 11.83 7.68
N ALA A 330 -13.96 11.66 6.35
CA ALA A 330 -13.05 10.76 5.67
C ALA A 330 -12.85 11.34 4.30
N VAL A 331 -11.68 11.09 3.70
CA VAL A 331 -11.44 11.45 2.30
C VAL A 331 -12.17 10.32 1.54
N PHE A 332 -13.00 10.65 0.55
CA PHE A 332 -13.69 9.62 -0.21
C PHE A 332 -13.09 9.45 -1.60
N ILE A 333 -12.54 8.25 -1.87
CA ILE A 333 -11.94 7.91 -3.17
C ILE A 333 -12.71 6.75 -3.77
N GLY A 334 -13.34 6.99 -4.90
CA GLY A 334 -14.11 5.97 -5.60
C GLY A 334 -13.66 5.70 -7.02
N HIS A 335 -13.92 4.48 -7.52
CA HIS A 335 -13.65 4.07 -8.89
C HIS A 335 -14.95 3.50 -9.42
N ASP A 336 -15.30 3.84 -10.68
CA ASP A 336 -16.49 3.33 -11.37
C ASP A 336 -17.78 3.69 -10.58
N TRP A 337 -18.61 2.71 -10.16
CA TRP A 337 -19.82 2.98 -9.38
C TRP A 337 -19.49 3.62 -8.03
N GLY A 338 -18.29 3.33 -7.52
CA GLY A 338 -17.78 3.93 -6.28
C GLY A 338 -17.47 5.40 -6.50
N GLY A 339 -17.03 5.74 -7.72
CA GLY A 339 -16.73 7.11 -8.11
C GLY A 339 -17.98 7.94 -8.17
N MET A 340 -19.08 7.34 -8.67
CA MET A 340 -20.40 7.96 -8.72
C MET A 340 -20.89 8.22 -7.30
N LEU A 341 -20.68 7.25 -6.38
CA LEU A 341 -21.10 7.39 -4.97
C LEU A 341 -20.36 8.54 -4.32
N VAL A 342 -19.04 8.66 -4.59
CA VAL A 342 -18.22 9.71 -3.97
C VAL A 342 -18.62 11.12 -4.37
N TRP A 343 -19.04 11.34 -5.65
CA TRP A 343 -19.52 12.66 -6.06
C TRP A 343 -20.82 13.00 -5.33
N TYR A 344 -21.69 11.99 -5.11
CA TYR A 344 -22.95 12.18 -4.39
C TYR A 344 -22.81 12.41 -2.89
N MET A 345 -21.75 11.82 -2.28
CA MET A 345 -21.36 12.05 -0.88
C MET A 345 -20.92 13.52 -0.76
N ALA A 346 -20.11 14.02 -1.71
CA ALA A 346 -19.66 15.42 -1.73
C ALA A 346 -20.81 16.43 -1.91
N LEU A 347 -21.84 16.06 -2.71
CA LEU A 347 -23.01 16.90 -2.96
C LEU A 347 -23.99 16.96 -1.81
N PHE A 348 -24.26 15.81 -1.20
CA PHE A 348 -25.27 15.69 -0.16
C PHE A 348 -24.73 15.72 1.26
N TYR A 349 -23.45 15.36 1.45
CA TYR A 349 -22.84 15.37 2.77
C TYR A 349 -21.44 16.01 2.74
N PRO A 350 -21.31 17.31 2.31
CA PRO A 350 -19.97 17.93 2.26
C PRO A 350 -19.24 18.02 3.60
N GLU A 351 -19.98 18.10 4.72
CA GLU A 351 -19.39 18.18 6.06
C GLU A 351 -18.69 16.92 6.52
N ARG A 352 -19.02 15.78 5.88
CA ARG A 352 -18.49 14.45 6.18
C ARG A 352 -17.40 14.00 5.23
N VAL A 353 -17.16 14.82 4.20
CA VAL A 353 -16.19 14.51 3.16
C VAL A 353 -15.05 15.52 3.28
N ARG A 354 -13.87 15.06 3.74
CA ARG A 354 -12.68 15.88 3.89
C ARG A 354 -12.20 16.34 2.50
N ALA A 355 -12.24 15.42 1.53
CA ALA A 355 -11.88 15.63 0.13
C ALA A 355 -12.52 14.51 -0.67
N VAL A 356 -12.73 14.73 -1.97
CA VAL A 356 -13.34 13.74 -2.86
C VAL A 356 -12.45 13.49 -4.07
N ALA A 357 -12.21 12.22 -4.42
CA ALA A 357 -11.47 11.85 -5.61
C ALA A 357 -12.20 10.74 -6.37
N SER A 358 -12.22 10.84 -7.71
CA SER A 358 -12.79 9.80 -8.55
C SER A 358 -11.82 9.34 -9.61
N LEU A 359 -11.77 8.02 -9.79
CA LEU A 359 -10.99 7.39 -10.84
C LEU A 359 -11.99 7.04 -11.90
N ASN A 360 -11.80 7.60 -13.13
CA ASN A 360 -12.58 7.34 -14.36
C ASN A 360 -13.97 7.93 -14.38
N THR A 361 -14.74 7.84 -13.26
CA THR A 361 -16.11 8.32 -13.19
C THR A 361 -16.18 9.83 -13.15
N PRO A 362 -16.80 10.46 -14.16
CA PRO A 362 -16.91 11.92 -14.14
C PRO A 362 -18.14 12.39 -13.35
N PHE A 363 -18.22 13.69 -13.07
CA PHE A 363 -19.40 14.24 -12.45
C PHE A 363 -20.18 14.94 -13.55
N ILE A 364 -21.35 14.39 -13.91
CA ILE A 364 -22.23 14.98 -14.92
C ILE A 364 -23.58 15.22 -14.25
N PRO A 365 -24.01 16.49 -14.06
CA PRO A 365 -25.31 16.72 -13.42
C PRO A 365 -26.45 16.16 -14.22
N ALA A 366 -27.53 15.75 -13.52
CA ALA A 366 -28.71 15.19 -14.12
C ALA A 366 -29.43 16.21 -15.01
N ASN A 367 -30.00 15.73 -16.11
CA ASN A 367 -30.81 16.53 -17.02
C ASN A 367 -32.25 16.42 -16.48
N PRO A 368 -32.82 17.51 -15.91
CA PRO A 368 -34.19 17.40 -15.35
C PRO A 368 -35.31 17.22 -16.36
N ASN A 369 -34.98 17.23 -17.66
CA ASN A 369 -35.96 17.08 -18.74
C ASN A 369 -36.03 15.63 -19.23
N MET A 370 -34.86 14.98 -19.37
CA MET A 370 -34.74 13.62 -19.86
C MET A 370 -34.45 12.58 -18.77
N SER A 371 -35.29 11.53 -18.72
CA SER A 371 -35.14 10.39 -17.82
C SER A 371 -33.92 9.58 -18.28
N PRO A 372 -33.11 9.00 -17.36
CA PRO A 372 -31.94 8.21 -17.80
C PRO A 372 -32.28 6.89 -18.52
N LEU A 373 -33.52 6.38 -18.32
CA LEU A 373 -34.01 5.16 -18.97
C LEU A 373 -34.29 5.43 -20.47
N GLU A 374 -34.34 6.72 -20.85
CA GLU A 374 -34.52 7.24 -22.21
C GLU A 374 -33.22 7.87 -22.73
N SER A 375 -32.41 8.49 -21.83
CA SER A 375 -31.09 9.09 -22.14
C SER A 375 -30.11 8.00 -22.61
N ILE A 376 -30.47 6.74 -22.36
CA ILE A 376 -29.75 5.53 -22.76
C ILE A 376 -30.69 4.84 -23.78
N LYS A 377 -30.37 4.87 -25.09
CA LYS A 377 -29.14 5.42 -25.67
C LYS A 377 -29.30 6.78 -26.39
N ALA A 378 -28.37 7.71 -26.09
CA ALA A 378 -28.31 9.04 -26.71
C ALA A 378 -26.86 9.43 -27.04
N ASN A 379 -26.02 9.77 -26.03
CA ASN A 379 -24.61 10.15 -26.18
C ASN A 379 -23.77 9.00 -26.80
N PRO A 380 -23.35 7.92 -26.07
CA PRO A 380 -22.63 6.83 -26.73
C PRO A 380 -23.63 5.67 -26.93
N VAL A 381 -23.33 4.47 -26.35
CA VAL A 381 -24.20 3.30 -26.31
C VAL A 381 -23.97 2.55 -24.98
N PHE A 382 -24.85 2.79 -24.01
CA PHE A 382 -24.84 2.13 -22.70
C PHE A 382 -25.85 0.96 -22.77
N ASP A 383 -25.76 0.17 -23.86
CA ASP A 383 -26.63 -0.96 -24.19
C ASP A 383 -26.61 -2.09 -23.15
N TYR A 384 -25.41 -2.38 -22.60
CA TYR A 384 -25.21 -3.38 -21.55
C TYR A 384 -26.02 -3.01 -20.26
N GLN A 385 -26.26 -1.70 -20.02
CA GLN A 385 -27.04 -1.20 -18.87
C GLN A 385 -28.48 -1.65 -19.02
N LEU A 386 -28.99 -1.67 -20.27
CA LEU A 386 -30.36 -2.12 -20.57
C LEU A 386 -30.47 -3.63 -20.32
N TYR A 387 -29.40 -4.39 -20.64
CA TYR A 387 -29.28 -5.83 -20.38
C TYR A 387 -29.26 -6.14 -18.88
N PHE A 388 -28.72 -5.20 -18.08
CA PHE A 388 -28.58 -5.31 -16.62
C PHE A 388 -29.87 -5.06 -15.86
N GLN A 389 -30.87 -4.45 -16.52
CA GLN A 389 -32.16 -4.04 -15.92
C GLN A 389 -33.08 -5.14 -15.44
N GLU A 390 -33.32 -6.17 -16.28
CA GLU A 390 -34.24 -7.25 -15.96
C GLU A 390 -33.69 -8.18 -14.90
N PRO A 391 -34.28 -8.18 -13.67
CA PRO A 391 -33.71 -9.01 -12.59
C PRO A 391 -33.62 -10.49 -12.94
N GLY A 392 -32.44 -11.07 -12.73
CA GLY A 392 -32.18 -12.48 -12.97
C GLY A 392 -31.46 -12.85 -14.24
N VAL A 393 -31.57 -12.03 -15.30
CA VAL A 393 -30.94 -12.32 -16.60
C VAL A 393 -29.42 -12.26 -16.56
N ALA A 394 -28.84 -11.07 -16.26
CA ALA A 394 -27.39 -10.88 -16.19
C ALA A 394 -26.80 -11.72 -15.06
N GLU A 395 -27.54 -11.89 -13.92
CA GLU A 395 -27.09 -12.73 -12.81
C GLU A 395 -26.76 -14.14 -13.32
N ALA A 396 -27.69 -14.76 -14.10
CA ALA A 396 -27.54 -16.10 -14.64
C ALA A 396 -26.28 -16.28 -15.47
N GLU A 397 -25.99 -15.34 -16.39
CA GLU A 397 -24.78 -15.38 -17.23
C GLU A 397 -23.51 -15.10 -16.43
N LEU A 398 -23.54 -14.09 -15.55
CA LEU A 398 -22.38 -13.71 -14.76
C LEU A 398 -21.98 -14.73 -13.69
N GLU A 399 -22.97 -15.45 -13.14
CA GLU A 399 -22.77 -16.48 -12.10
C GLU A 399 -22.55 -17.91 -12.65
N GLN A 400 -22.81 -18.16 -13.96
CA GLN A 400 -22.66 -19.50 -14.55
C GLN A 400 -21.27 -20.11 -14.34
N ASN A 401 -20.23 -19.33 -14.61
CA ASN A 401 -18.84 -19.72 -14.46
C ASN A 401 -18.12 -18.45 -13.99
N LEU A 402 -17.83 -18.37 -12.67
CA LEU A 402 -17.21 -17.21 -12.03
C LEU A 402 -15.82 -16.90 -12.54
N SER A 403 -14.99 -17.94 -12.67
CA SER A 403 -13.62 -17.84 -13.18
C SER A 403 -13.62 -17.24 -14.58
N ARG A 404 -14.57 -17.67 -15.46
CA ARG A 404 -14.72 -17.16 -16.82
C ARG A 404 -15.15 -15.70 -16.79
N THR A 405 -16.12 -15.34 -15.92
CA THR A 405 -16.62 -13.97 -15.76
C THR A 405 -15.48 -12.99 -15.46
N PHE A 406 -14.69 -13.21 -14.40
CA PHE A 406 -13.61 -12.30 -14.01
C PHE A 406 -12.43 -12.30 -14.96
N LYS A 407 -12.12 -13.46 -15.55
CA LYS A 407 -11.05 -13.57 -16.54
C LYS A 407 -11.43 -12.80 -17.81
N SER A 408 -12.71 -12.85 -18.20
CA SER A 408 -13.22 -12.13 -19.39
C SER A 408 -13.28 -10.62 -19.15
N LEU A 409 -13.72 -10.18 -17.95
CA LEU A 409 -13.90 -8.76 -17.63
C LEU A 409 -12.64 -8.02 -17.29
N PHE A 410 -11.80 -8.59 -16.40
CA PHE A 410 -10.59 -7.95 -15.91
C PHE A 410 -9.45 -8.10 -16.91
N ARG A 411 -9.47 -7.24 -17.96
CA ARG A 411 -8.47 -7.24 -19.04
C ARG A 411 -7.96 -5.84 -19.35
N ALA A 412 -6.68 -5.73 -19.75
CA ALA A 412 -6.05 -4.46 -20.16
C ALA A 412 -6.63 -4.02 -21.53
N SER A 413 -6.44 -2.74 -21.91
CA SER A 413 -6.97 -2.16 -23.16
C SER A 413 -6.67 -2.95 -24.47
N ASP A 414 -5.50 -3.60 -24.52
CA ASP A 414 -4.99 -4.39 -25.65
C ASP A 414 -5.23 -5.90 -25.45
N GLU A 415 -6.22 -6.28 -24.62
CA GLU A 415 -6.54 -7.68 -24.32
C GLU A 415 -8.02 -8.02 -24.50
N SER A 416 -8.85 -7.02 -24.87
CA SER A 416 -10.30 -7.17 -25.04
C SER A 416 -10.73 -8.38 -25.87
N VAL A 417 -11.59 -9.21 -25.25
CA VAL A 417 -12.20 -10.40 -25.84
C VAL A 417 -13.72 -10.13 -25.81
N LEU A 418 -14.07 -8.97 -25.24
CA LEU A 418 -15.42 -8.49 -25.06
C LEU A 418 -15.71 -7.27 -25.89
N SER A 419 -16.84 -7.30 -26.60
CA SER A 419 -17.33 -6.16 -27.33
C SER A 419 -17.99 -5.32 -26.22
N MET A 420 -17.67 -4.00 -26.12
CA MET A 420 -18.25 -3.14 -25.08
C MET A 420 -19.78 -3.17 -25.26
N HIS A 421 -20.24 -2.96 -26.50
CA HIS A 421 -21.66 -3.00 -26.84
C HIS A 421 -22.07 -3.98 -27.92
N LYS A 422 -23.38 -3.97 -28.19
CA LYS A 422 -24.21 -4.81 -29.08
C LYS A 422 -24.61 -6.07 -28.27
N VAL A 423 -24.60 -5.93 -26.90
CA VAL A 423 -24.93 -6.91 -25.86
C VAL A 423 -26.41 -7.30 -25.97
N CYS A 424 -27.30 -6.31 -26.17
CA CYS A 424 -28.72 -6.53 -26.35
C CYS A 424 -29.05 -6.52 -27.87
N GLU A 425 -28.62 -7.61 -28.52
CA GLU A 425 -28.72 -7.99 -29.93
C GLU A 425 -28.14 -9.40 -30.00
N ALA A 426 -26.94 -9.56 -29.39
CA ALA A 426 -26.18 -10.79 -29.27
C ALA A 426 -26.71 -11.64 -28.10
N GLY A 427 -27.44 -11.00 -27.18
CA GLY A 427 -28.07 -11.63 -26.02
C GLY A 427 -27.12 -12.12 -24.94
N GLY A 428 -26.23 -11.25 -24.50
CA GLY A 428 -25.26 -11.58 -23.45
C GLY A 428 -23.91 -10.92 -23.60
N LEU A 429 -23.24 -10.70 -22.47
CA LEU A 429 -21.91 -10.08 -22.43
C LEU A 429 -20.82 -11.02 -22.94
N PHE A 430 -20.99 -12.35 -22.75
CA PHE A 430 -19.99 -13.37 -23.08
C PHE A 430 -20.23 -14.26 -24.33
N VAL A 431 -21.24 -13.94 -25.16
CA VAL A 431 -21.57 -14.76 -26.35
C VAL A 431 -20.44 -14.99 -27.36
N ASN A 432 -19.62 -13.95 -27.65
CA ASN A 432 -18.50 -14.06 -28.58
C ASN A 432 -17.16 -14.23 -27.84
N SER A 433 -17.24 -14.62 -26.56
CA SER A 433 -16.06 -14.80 -25.69
C SER A 433 -15.75 -16.27 -25.46
N PRO A 434 -14.46 -16.66 -25.27
CA PRO A 434 -14.14 -18.07 -25.05
C PRO A 434 -14.65 -18.61 -23.72
N GLU A 435 -14.77 -19.95 -23.65
CA GLU A 435 -15.19 -20.63 -22.43
C GLU A 435 -14.06 -20.60 -21.42
N GLU A 436 -12.81 -20.69 -21.93
CA GLU A 436 -11.61 -20.64 -21.11
C GLU A 436 -10.74 -19.44 -21.52
N PRO A 437 -11.07 -18.22 -21.03
CA PRO A 437 -10.25 -17.04 -21.39
C PRO A 437 -8.81 -17.14 -20.90
N SER A 438 -7.90 -16.43 -21.59
CA SER A 438 -6.50 -16.39 -21.21
C SER A 438 -6.35 -15.53 -19.95
N LEU A 439 -5.24 -15.66 -19.24
CA LEU A 439 -5.03 -14.87 -18.04
C LEU A 439 -4.47 -13.52 -18.45
N SER A 440 -5.19 -12.43 -18.13
CA SER A 440 -4.72 -11.07 -18.42
C SER A 440 -3.38 -10.84 -17.73
N ARG A 441 -2.54 -9.96 -18.30
CA ARG A 441 -1.23 -9.62 -17.73
C ARG A 441 -1.37 -8.83 -16.42
N MET A 442 -2.58 -8.29 -16.17
CA MET A 442 -2.91 -7.49 -14.99
C MET A 442 -3.14 -8.34 -13.74
N VAL A 443 -3.58 -9.61 -13.91
CA VAL A 443 -3.93 -10.50 -12.80
C VAL A 443 -3.21 -11.85 -12.80
N THR A 444 -3.04 -12.45 -11.61
CA THR A 444 -2.52 -13.81 -11.48
C THR A 444 -3.77 -14.69 -11.36
N GLU A 445 -3.60 -16.02 -11.44
CA GLU A 445 -4.68 -16.99 -11.30
C GLU A 445 -5.28 -16.90 -9.89
N GLU A 446 -4.41 -16.69 -8.89
CA GLU A 446 -4.72 -16.57 -7.46
C GLU A 446 -5.64 -15.39 -7.17
N GLU A 447 -5.39 -14.23 -7.82
CA GLU A 447 -6.17 -13.01 -7.68
C GLU A 447 -7.57 -13.17 -8.25
N ILE A 448 -7.69 -13.89 -9.41
CA ILE A 448 -8.99 -14.21 -10.03
C ILE A 448 -9.76 -15.11 -9.03
N GLN A 449 -9.09 -16.14 -8.46
CA GLN A 449 -9.74 -17.04 -7.49
C GLN A 449 -10.21 -16.37 -6.20
N PHE A 450 -9.60 -15.22 -5.82
CA PHE A 450 -10.07 -14.45 -4.67
C PHE A 450 -11.45 -13.84 -5.00
N TYR A 451 -11.61 -13.26 -6.21
CA TYR A 451 -12.90 -12.69 -6.65
C TYR A 451 -13.95 -13.77 -6.78
N VAL A 452 -13.55 -14.97 -7.29
CA VAL A 452 -14.41 -16.15 -7.43
C VAL A 452 -14.99 -16.50 -6.05
N GLN A 453 -14.12 -16.71 -5.04
CA GLN A 453 -14.52 -17.04 -3.66
C GLN A 453 -15.40 -15.96 -3.04
N GLN A 454 -15.06 -14.68 -3.26
CA GLN A 454 -15.85 -13.55 -2.77
C GLN A 454 -17.26 -13.57 -3.31
N PHE A 455 -17.41 -13.72 -4.64
CA PHE A 455 -18.71 -13.73 -5.34
C PHE A 455 -19.58 -14.98 -5.16
N LYS A 456 -19.03 -16.05 -4.53
CA LYS A 456 -19.76 -17.28 -4.22
C LYS A 456 -20.79 -17.06 -3.11
N LYS A 457 -20.57 -16.05 -2.24
CA LYS A 457 -21.47 -15.76 -1.11
C LYS A 457 -22.81 -15.15 -1.53
N SER A 458 -22.80 -14.04 -2.28
CA SER A 458 -24.04 -13.37 -2.62
C SER A 458 -24.36 -13.31 -4.11
N GLY A 459 -23.36 -13.59 -4.95
CA GLY A 459 -23.51 -13.52 -6.39
C GLY A 459 -23.58 -12.10 -6.92
N PHE A 460 -24.32 -11.93 -8.02
CA PHE A 460 -24.42 -10.67 -8.76
C PHE A 460 -25.70 -9.89 -8.58
N ARG A 461 -26.69 -10.40 -7.82
CA ARG A 461 -27.95 -9.68 -7.60
C ARG A 461 -27.76 -8.25 -7.02
N GLY A 462 -27.11 -8.16 -5.86
CA GLY A 462 -26.80 -6.90 -5.18
C GLY A 462 -25.95 -5.99 -6.05
N PRO A 463 -24.80 -6.47 -6.57
CA PRO A 463 -24.00 -5.65 -7.51
C PRO A 463 -24.80 -5.12 -8.71
N LEU A 464 -25.62 -5.97 -9.36
CA LEU A 464 -26.44 -5.53 -10.51
C LEU A 464 -27.53 -4.57 -10.12
N ASN A 465 -27.98 -4.61 -8.85
CA ASN A 465 -29.02 -3.71 -8.34
C ASN A 465 -28.58 -2.25 -8.29
N TRP A 466 -27.25 -1.97 -8.38
CA TRP A 466 -26.69 -0.61 -8.42
C TRP A 466 -27.15 0.10 -9.72
N TYR A 467 -27.37 -0.70 -10.81
CA TYR A 467 -27.83 -0.29 -12.14
C TYR A 467 -29.35 -0.19 -12.25
N ARG A 468 -30.07 -0.70 -11.24
CA ARG A 468 -31.53 -0.83 -11.29
C ARG A 468 -32.34 0.26 -10.59
N ASN A 469 -31.66 1.38 -10.30
CA ASN A 469 -32.30 2.53 -9.64
C ASN A 469 -32.11 3.81 -10.44
N MET A 470 -32.04 3.70 -11.79
CA MET A 470 -31.81 4.85 -12.70
C MET A 470 -32.75 6.04 -12.45
N GLU A 471 -34.06 5.78 -12.41
CA GLU A 471 -35.10 6.80 -12.18
C GLU A 471 -35.04 7.39 -10.76
N ARG A 472 -34.83 6.52 -9.76
CA ARG A 472 -34.71 6.89 -8.36
C ARG A 472 -33.51 7.82 -8.13
N ASN A 473 -32.34 7.47 -8.70
CA ASN A 473 -31.11 8.24 -8.57
C ASN A 473 -31.21 9.58 -9.24
N TRP A 474 -31.79 9.63 -10.44
CA TRP A 474 -32.01 10.85 -11.23
C TRP A 474 -32.88 11.86 -10.47
N LYS A 475 -34.00 11.39 -9.89
CA LYS A 475 -34.93 12.23 -9.09
C LYS A 475 -34.23 12.85 -7.87
N TRP A 476 -33.37 12.08 -7.18
N TRP A 476 -33.37 12.08 -7.18
CA TRP A 476 -32.58 12.49 -6.03
CA TRP A 476 -32.59 12.51 -6.02
C TRP A 476 -31.47 13.46 -6.44
C TRP A 476 -31.50 13.48 -6.46
N ALA A 477 -30.79 13.16 -7.57
CA ALA A 477 -29.74 14.00 -8.15
C ALA A 477 -30.27 15.39 -8.61
N CYS A 478 -31.53 15.44 -9.06
CA CYS A 478 -32.20 16.67 -9.47
C CYS A 478 -32.38 17.69 -8.34
N LYS A 479 -32.38 17.22 -7.07
CA LYS A 479 -32.48 18.10 -5.88
C LYS A 479 -31.17 18.87 -5.68
N SER A 480 -30.05 18.34 -6.22
CA SER A 480 -28.72 18.93 -6.09
C SER A 480 -28.33 19.84 -7.26
N LEU A 481 -29.24 20.06 -8.23
CA LEU A 481 -28.95 20.84 -9.44
C LEU A 481 -28.44 22.29 -9.27
N GLY A 482 -28.88 22.95 -8.19
CA GLY A 482 -28.42 24.31 -7.89
C GLY A 482 -27.10 24.36 -7.14
N ARG A 483 -26.57 23.21 -6.74
CA ARG A 483 -25.34 23.14 -5.95
C ARG A 483 -24.08 23.04 -6.77
N LYS A 484 -22.97 23.36 -6.13
CA LYS A 484 -21.64 23.19 -6.70
C LYS A 484 -20.78 22.43 -5.71
N ILE A 485 -19.79 21.66 -6.21
CA ILE A 485 -18.86 20.93 -5.35
C ILE A 485 -17.70 21.91 -5.14
N LEU A 486 -17.53 22.37 -3.89
CA LEU A 486 -16.55 23.39 -3.52
C LEU A 486 -15.51 22.94 -2.48
N ILE A 487 -15.56 21.64 -2.12
CA ILE A 487 -14.59 21.02 -1.22
C ILE A 487 -13.42 20.52 -2.11
N PRO A 488 -12.22 20.14 -1.61
CA PRO A 488 -11.16 19.69 -2.53
C PRO A 488 -11.60 18.46 -3.31
N ALA A 489 -11.40 18.48 -4.64
CA ALA A 489 -11.81 17.42 -5.55
C ALA A 489 -10.77 17.09 -6.61
N LEU A 490 -10.62 15.79 -6.91
CA LEU A 490 -9.70 15.26 -7.90
C LEU A 490 -10.43 14.37 -8.88
N MET A 491 -10.22 14.63 -10.18
CA MET A 491 -10.78 13.81 -11.25
C MET A 491 -9.62 13.11 -11.95
N VAL A 492 -9.60 11.77 -11.95
CA VAL A 492 -8.54 11.02 -12.63
C VAL A 492 -9.13 10.28 -13.83
N THR A 493 -8.69 10.67 -15.05
CA THR A 493 -9.14 10.05 -16.31
C THR A 493 -8.16 8.95 -16.75
N ALA A 494 -8.70 7.94 -17.45
CA ALA A 494 -7.95 6.79 -17.98
C ALA A 494 -8.15 6.81 -19.50
N GLU A 495 -7.05 7.10 -20.25
CA GLU A 495 -7.00 7.25 -21.71
C GLU A 495 -7.83 6.21 -22.49
N LYS A 496 -7.62 4.93 -22.18
CA LYS A 496 -8.27 3.83 -22.89
C LYS A 496 -9.47 3.19 -22.19
N ASP A 497 -10.16 3.95 -21.31
CA ASP A 497 -11.38 3.43 -20.71
C ASP A 497 -12.49 3.75 -21.73
N PHE A 498 -13.09 2.71 -22.30
CA PHE A 498 -14.12 2.88 -23.32
C PHE A 498 -15.53 2.97 -22.78
N VAL A 499 -15.72 2.70 -21.47
CA VAL A 499 -17.01 2.86 -20.81
C VAL A 499 -17.04 4.32 -20.35
N LEU A 500 -15.90 4.78 -19.77
CA LEU A 500 -15.70 6.12 -19.23
C LEU A 500 -14.56 6.82 -19.95
N VAL A 501 -14.86 7.36 -21.13
CA VAL A 501 -13.91 8.07 -21.99
C VAL A 501 -13.51 9.42 -21.35
N PRO A 502 -12.19 9.76 -21.28
CA PRO A 502 -11.79 11.04 -20.68
C PRO A 502 -12.59 12.29 -21.08
N GLN A 503 -13.06 12.34 -22.35
CA GLN A 503 -13.86 13.45 -22.92
C GLN A 503 -15.17 13.71 -22.16
N MET A 504 -15.78 12.68 -21.54
CA MET A 504 -17.01 12.76 -20.73
C MET A 504 -16.85 13.75 -19.55
N SER A 505 -15.60 13.91 -19.05
CA SER A 505 -15.25 14.75 -17.89
C SER A 505 -14.98 16.23 -18.19
N GLN A 506 -14.91 16.61 -19.48
CA GLN A 506 -14.57 17.96 -19.95
C GLN A 506 -15.33 19.17 -19.38
N HIS A 507 -16.61 19.01 -19.03
CA HIS A 507 -17.41 20.12 -18.53
C HIS A 507 -17.45 20.23 -17.01
N MET A 508 -16.77 19.32 -16.29
CA MET A 508 -16.75 19.25 -14.83
C MET A 508 -16.42 20.55 -14.09
N GLU A 509 -15.50 21.38 -14.65
CA GLU A 509 -15.12 22.68 -14.07
C GLU A 509 -16.28 23.67 -13.87
N ASP A 510 -17.37 23.49 -14.62
CA ASP A 510 -18.59 24.30 -14.49
C ASP A 510 -19.30 24.06 -13.15
N TRP A 511 -19.18 22.83 -12.60
N TRP A 511 -19.15 22.86 -12.57
CA TRP A 511 -19.82 22.40 -11.36
CA TRP A 511 -19.81 22.49 -11.31
C TRP A 511 -18.85 22.26 -10.18
C TRP A 511 -18.84 22.28 -10.15
N ILE A 512 -17.55 22.07 -10.48
CA ILE A 512 -16.49 21.90 -9.49
C ILE A 512 -15.40 22.90 -9.99
N PRO A 513 -15.53 24.23 -9.74
CA PRO A 513 -14.55 25.20 -10.29
C PRO A 513 -13.08 25.00 -9.95
N HIS A 514 -12.78 24.59 -8.70
CA HIS A 514 -11.41 24.37 -8.21
C HIS A 514 -10.94 22.93 -8.39
N LEU A 515 -11.60 22.16 -9.27
CA LEU A 515 -11.28 20.77 -9.54
C LEU A 515 -9.82 20.57 -9.95
N LYS A 516 -9.15 19.57 -9.35
CA LYS A 516 -7.79 19.20 -9.68
C LYS A 516 -7.89 17.95 -10.54
N ARG A 517 -6.88 17.73 -11.39
CA ARG A 517 -6.92 16.60 -12.30
C ARG A 517 -5.68 15.74 -12.33
N GLY A 518 -5.89 14.55 -12.86
CA GLY A 518 -4.89 13.53 -13.14
C GLY A 518 -5.30 12.83 -14.41
N HIS A 519 -4.32 12.27 -15.12
CA HIS A 519 -4.58 11.53 -16.35
C HIS A 519 -3.60 10.42 -16.48
N ILE A 520 -4.08 9.24 -16.85
CA ILE A 520 -3.23 8.07 -17.04
C ILE A 520 -3.36 7.58 -18.46
N GLU A 521 -2.23 7.60 -19.18
CA GLU A 521 -2.18 7.12 -20.57
C GLU A 521 -2.00 5.63 -20.57
N ASP A 522 -2.48 4.98 -21.67
CA ASP A 522 -2.42 3.53 -21.89
C ASP A 522 -3.06 2.75 -20.71
N CYS A 523 -4.12 3.33 -20.13
CA CYS A 523 -4.85 2.76 -19.00
C CYS A 523 -6.30 2.49 -19.37
N GLY A 524 -6.73 1.25 -19.16
CA GLY A 524 -8.10 0.82 -19.41
C GLY A 524 -9.03 1.16 -18.25
N HIS A 525 -10.16 0.45 -18.18
CA HIS A 525 -11.19 0.64 -17.15
C HIS A 525 -10.75 0.21 -15.75
N TRP A 526 -9.93 -0.83 -15.61
CA TRP A 526 -9.48 -1.38 -14.32
C TRP A 526 -8.25 -0.65 -13.83
N THR A 527 -8.37 0.69 -13.72
CA THR A 527 -7.36 1.67 -13.32
C THR A 527 -6.36 1.23 -12.26
N GLN A 528 -6.85 0.78 -11.08
CA GLN A 528 -6.03 0.38 -9.93
C GLN A 528 -5.04 -0.74 -10.24
N MET A 529 -5.45 -1.76 -10.99
CA MET A 529 -4.56 -2.89 -11.31
C MET A 529 -3.81 -2.73 -12.64
N ASP A 530 -4.34 -1.88 -13.54
CA ASP A 530 -3.77 -1.57 -14.84
C ASP A 530 -2.51 -0.73 -14.64
N LYS A 531 -2.66 0.43 -13.96
CA LYS A 531 -1.57 1.34 -13.68
C LYS A 531 -1.43 1.65 -12.19
N PRO A 532 -1.11 0.64 -11.33
CA PRO A 532 -1.00 0.90 -9.87
C PRO A 532 -0.01 1.97 -9.43
N THR A 533 1.20 1.98 -10.00
CA THR A 533 2.26 2.95 -9.68
C THR A 533 1.81 4.40 -9.90
N GLU A 534 1.16 4.65 -11.06
CA GLU A 534 0.65 5.97 -11.50
C GLU A 534 -0.49 6.46 -10.61
N VAL A 535 -1.45 5.56 -10.29
CA VAL A 535 -2.60 5.78 -9.41
C VAL A 535 -2.08 6.26 -8.05
N ASN A 536 -1.15 5.48 -7.46
CA ASN A 536 -0.55 5.78 -6.16
C ASN A 536 0.16 7.12 -6.16
N GLN A 537 0.94 7.41 -7.22
CA GLN A 537 1.59 8.71 -7.24
C GLN A 537 0.63 9.90 -7.41
N ILE A 538 -0.43 9.76 -8.26
CA ILE A 538 -1.46 10.80 -8.40
C ILE A 538 -2.23 10.98 -7.07
N LEU A 539 -2.70 9.88 -6.46
CA LEU A 539 -3.45 9.97 -5.19
C LEU A 539 -2.61 10.51 -4.03
N ILE A 540 -1.38 9.98 -3.82
CA ILE A 540 -0.49 10.44 -2.73
C ILE A 540 -0.16 11.92 -2.87
N LYS A 541 0.19 12.37 -4.10
CA LYS A 541 0.49 13.78 -4.39
C LYS A 541 -0.71 14.69 -4.03
N TRP A 542 -1.93 14.32 -4.48
CA TRP A 542 -3.17 15.07 -4.22
C TRP A 542 -3.55 15.06 -2.75
N LEU A 543 -3.43 13.91 -2.07
CA LEU A 543 -3.74 13.79 -0.63
C LEU A 543 -2.81 14.67 0.19
N ASP A 544 -1.50 14.65 -0.11
CA ASP A 544 -0.53 15.47 0.63
C ASP A 544 -0.72 16.97 0.40
N SER A 545 -1.23 17.36 -0.78
CA SER A 545 -1.46 18.77 -1.09
C SER A 545 -2.81 19.32 -0.60
N ASP A 546 -3.93 18.58 -0.85
CA ASP A 546 -5.31 19.00 -0.56
C ASP A 546 -6.07 18.31 0.58
N ALA A 547 -5.60 17.15 1.08
CA ALA A 547 -6.36 16.44 2.12
C ALA A 547 -5.58 16.14 3.42
N ARG A 548 -5.29 17.19 4.21
CA ARG A 548 -4.60 17.16 5.52
C ARG A 548 -3.53 16.04 5.68
S DMS B . 8.11 -9.43 10.42
O DMS B . 9.71 -9.99 9.79
C1 DMS B . 7.76 -10.31 11.96
C2 DMS B . 6.82 -10.12 9.35
S DMS C . 0.55 -9.67 -11.85
O DMS C . -1.12 -9.77 -11.21
C1 DMS C . 0.71 -8.12 -12.77
C2 DMS C . 0.72 -10.85 -13.22
C1 GOL D . 27.56 20.34 18.13
O1 GOL D . 28.76 20.73 18.77
C2 GOL D . 27.51 18.82 18.01
O2 GOL D . 26.49 18.32 18.86
C3 GOL D . 27.20 18.42 16.56
O3 GOL D . 28.35 18.50 15.75
C1 GOL E . 5.57 9.82 0.53
O1 GOL E . 4.76 8.66 0.42
C2 GOL E . 5.38 10.69 -0.71
O2 GOL E . 6.08 10.16 -1.81
C3 GOL E . 5.78 12.14 -0.42
O3 GOL E . 7.18 12.30 -0.39
S SO4 F . -14.85 -3.25 -19.82
O1 SO4 F . -13.63 -2.59 -20.32
O2 SO4 F . -14.61 -4.70 -19.69
O3 SO4 F . -15.19 -2.69 -18.51
O4 SO4 F . -15.96 -3.01 -20.77
C1 6N0 G . -19.87 -3.48 -20.97
C2 6N0 G . -19.46 -4.80 -20.91
C6 6N0 G . -19.77 -2.65 -19.86
C10 6N0 G . -18.31 -1.50 -14.95
C3 6N0 G . -18.91 -5.31 -19.75
C11 6N0 G . -18.03 -2.81 -15.25
C8 6N0 G . -19.26 -1.13 -17.14
C5 6N0 G . -19.22 -3.15 -18.69
C7 6N0 G . -18.98 -2.45 -17.45
C9 6N0 G . -18.92 -0.67 -15.87
C4 6N0 G . -18.81 -4.46 -18.68
C12 6N0 G . -18.37 -3.24 -16.51
C17 6N0 G . -20.44 1.20 -15.63
C21 6N0 G . -19.57 3.94 -13.64
C23 6N0 G . -22.07 3.82 -13.92
C20 6N0 G . -19.41 3.39 -15.05
C24 6N0 G . -21.86 3.18 -15.29
C22 6N0 G . -20.89 4.67 -13.50
N19 6N0 G . -20.54 2.56 -15.38
N16 6N0 G . -19.18 0.66 -15.50
O18 6N0 G . -21.41 0.52 -15.94
O14 6N0 G . -19.01 -5.75 -16.37
O15 6N0 G . -16.70 -5.11 -17.27
F25 6N0 G . -21.03 5.05 -12.20
F26 6N0 G . -20.87 5.81 -14.24
S13 6N0 G . -18.12 -4.89 -17.11
#